data_4CAW
#
_entry.id   4CAW
#
_cell.length_a   50.873
_cell.length_b   57.830
_cell.length_c   147.514
_cell.angle_alpha   90.00
_cell.angle_beta   90.00
_cell.angle_gamma   90.00
#
_symmetry.space_group_name_H-M   'P 21 21 21'
#
loop_
_entity.id
_entity.type
_entity.pdbx_description
1 polymer 'GLYCYLPEPTIDE N-TETRADECANOYLTRANSFERASE'
2 non-polymer 2,6-DICHLORO-4-(2-PIPERAZIN-1-YLPYRIDIN-4-YL)-N-(1,5-DIMETHYL,3-ISOBUTYL-1H-PYRAZOL-4-YL)BENZENESULFONAMIDE
3 non-polymer TETRADECANOYL-COA
4 water water
#
_entity_poly.entity_id   1
_entity_poly.type   'polypeptide(L)'
_entity_poly.pdbx_seq_one_letter_code
;GPRSQTQPVPRFDETSTDTGGPIKIIDPEKVSKEPDALLEGFEWATLDLTNETELQELWDLLTYHYVEDDNAMFRFRYSQ
SFLHWALMSPGWKKEWHVGVRATKSRKLVASICGVPTEINVRNQKLKVVEINFLCIHKKLRSKRLTPVLIKEITRRCYLN
GIYQAIYTAGVVLPTPVSSCRYYHRPLDWLKLYEVGFSPLPAGSTKARQITKNHLPSTTSTPGLRPMEPKDIDTVHDLLQ
RYLSRFALNQAFTREEVDHWLVHKPETVKEQVVWAYVVEDPETHKITDFFSFYNLESTVIQNPKHDNVRAAYLYYYATET
AFTNNMKALKERLLMLMNDALILAKKAHFDVFNALTLHDNPLFLEQLKFGAGDGQLHFYLYNYRTAPVPGGVNEKNLPDE
KRMGGVGIVML
;
_entity_poly.pdbx_strand_id   A
#
# COMPACT_ATOMS: atom_id res chain seq x y z
N GLY A 20 17.24 18.51 3.55
CA GLY A 20 17.11 18.91 2.12
C GLY A 20 15.92 19.80 1.85
N GLY A 21 15.41 19.76 0.62
CA GLY A 21 14.29 20.59 0.22
C GLY A 21 13.92 20.45 -1.25
N PRO A 22 13.02 21.32 -1.75
CA PRO A 22 12.58 21.27 -3.14
C PRO A 22 13.74 21.42 -4.12
N ILE A 23 13.64 20.75 -5.26
CA ILE A 23 14.66 20.83 -6.31
C ILE A 23 14.43 22.08 -7.18
N LYS A 24 13.19 22.28 -7.62
CA LYS A 24 12.83 23.41 -8.46
C LYS A 24 11.54 24.09 -8.00
N ILE A 25 11.45 25.40 -8.23
CA ILE A 25 10.24 26.17 -7.93
C ILE A 25 9.45 26.38 -9.21
N ILE A 26 8.18 25.99 -9.18
CA ILE A 26 7.32 26.08 -10.36
C ILE A 26 6.62 27.45 -10.42
N ASP A 27 6.67 28.05 -11.60
CA ASP A 27 5.94 29.28 -11.90
C ASP A 27 4.53 28.91 -12.39
N PRO A 28 3.50 29.24 -11.60
CA PRO A 28 2.11 28.96 -11.97
C PRO A 28 1.68 29.72 -13.23
N GLU A 29 2.47 30.72 -13.60
CA GLU A 29 2.23 31.55 -14.78
C GLU A 29 2.56 30.82 -16.08
N LYS A 30 3.48 29.85 -16.00
CA LYS A 30 3.94 29.10 -17.17
C LYS A 30 3.32 27.70 -17.29
N VAL A 31 2.34 27.40 -16.44
CA VAL A 31 1.65 26.11 -16.51
C VAL A 31 0.54 26.17 -17.57
N SER A 32 0.68 25.34 -18.60
CA SER A 32 -0.21 25.34 -19.76
C SER A 32 -1.67 25.06 -19.39
N LYS A 33 -2.57 25.84 -19.98
CA LYS A 33 -4.01 25.68 -19.78
C LYS A 33 -4.50 24.38 -20.40
N GLU A 34 -3.92 24.02 -21.54
CA GLU A 34 -4.32 22.83 -22.28
C GLU A 34 -3.26 21.72 -22.15
N PRO A 35 -3.70 20.45 -22.28
CA PRO A 35 -2.75 19.34 -22.17
C PRO A 35 -1.97 19.12 -23.47
N ASP A 36 -0.90 18.35 -23.40
CA ASP A 36 -0.09 18.01 -24.56
C ASP A 36 -0.83 17.08 -25.52
N ALA A 37 -0.24 16.86 -26.69
CA ALA A 37 -0.81 15.97 -27.69
C ALA A 37 -0.59 14.50 -27.32
N LEU A 38 -1.58 13.67 -27.62
CA LEU A 38 -1.49 12.23 -27.41
C LEU A 38 -1.32 11.49 -28.73
N LEU A 39 -0.99 10.20 -28.62
CA LEU A 39 -0.90 9.32 -29.78
C LEU A 39 -2.15 9.38 -30.64
N GLU A 40 -1.96 9.33 -31.95
CA GLU A 40 -3.04 9.43 -32.93
C GLU A 40 -4.16 8.43 -32.64
N GLY A 41 -5.37 8.95 -32.51
CA GLY A 41 -6.54 8.13 -32.22
C GLY A 41 -6.90 8.07 -30.75
N PHE A 42 -6.12 8.77 -29.92
CA PHE A 42 -6.34 8.77 -28.47
C PHE A 42 -6.46 10.17 -27.89
N GLU A 43 -7.31 10.31 -26.86
CA GLU A 43 -7.58 11.61 -26.22
C GLU A 43 -7.57 11.50 -24.69
N TRP A 44 -7.32 12.62 -24.03
CA TRP A 44 -7.37 12.69 -22.56
C TRP A 44 -8.80 12.59 -22.04
N ALA A 45 -8.94 12.08 -20.82
CA ALA A 45 -10.23 11.97 -20.16
C ALA A 45 -10.08 12.05 -18.66
N THR A 46 -10.86 12.93 -18.03
CA THR A 46 -10.96 12.97 -16.59
C THR A 46 -11.98 11.93 -16.15
N LEU A 47 -11.52 10.97 -15.36
CA LEU A 47 -12.41 9.93 -14.82
C LEU A 47 -13.23 10.47 -13.65
N ASP A 48 -14.55 10.30 -13.75
CA ASP A 48 -15.47 10.61 -12.66
C ASP A 48 -15.85 9.33 -11.94
N LEU A 49 -15.10 9.02 -10.88
CA LEU A 49 -15.24 7.76 -10.17
C LEU A 49 -16.43 7.71 -9.20
N THR A 50 -17.24 8.77 -9.20
CA THR A 50 -18.50 8.78 -8.47
C THR A 50 -19.57 8.02 -9.26
N ASN A 51 -19.38 7.92 -10.58
CA ASN A 51 -20.27 7.14 -11.42
C ASN A 51 -19.79 5.70 -11.55
N GLU A 52 -20.72 4.77 -11.41
CA GLU A 52 -20.42 3.34 -11.39
C GLU A 52 -19.78 2.83 -12.68
N THR A 53 -20.23 3.37 -13.82
CA THR A 53 -19.72 2.95 -15.12
C THR A 53 -18.23 3.26 -15.30
N GLU A 54 -17.83 4.44 -14.82
CA GLU A 54 -16.44 4.90 -14.96
C GLU A 54 -15.51 4.18 -13.99
N LEU A 55 -16.01 3.86 -12.80
CA LEU A 55 -15.25 3.08 -11.82
C LEU A 55 -15.04 1.66 -12.37
N GLN A 56 -16.09 1.10 -12.95
CA GLN A 56 -16.06 -0.20 -13.63
C GLN A 56 -15.01 -0.22 -14.76
N GLU A 57 -14.98 0.85 -15.55
CA GLU A 57 -14.05 0.99 -16.67
C GLU A 57 -12.58 0.93 -16.24
N LEU A 58 -12.28 1.56 -15.11
CA LEU A 58 -10.94 1.56 -14.55
C LEU A 58 -10.62 0.16 -13.99
N TRP A 59 -11.59 -0.43 -13.30
CA TRP A 59 -11.46 -1.78 -12.78
C TRP A 59 -11.20 -2.78 -13.91
N ASP A 60 -11.97 -2.66 -15.01
CA ASP A 60 -11.80 -3.50 -16.20
C ASP A 60 -10.43 -3.36 -16.84
N LEU A 61 -9.85 -2.17 -16.75
CA LEU A 61 -8.50 -1.92 -17.26
C LEU A 61 -7.46 -2.59 -16.38
N LEU A 62 -7.54 -2.34 -15.07
CA LEU A 62 -6.53 -2.79 -14.12
C LEU A 62 -6.52 -4.31 -13.93
N THR A 63 -7.71 -4.90 -13.81
CA THR A 63 -7.87 -6.34 -13.64
C THR A 63 -7.12 -7.15 -14.70
N TYR A 64 -7.05 -6.62 -15.92
CA TYR A 64 -6.41 -7.31 -17.02
C TYR A 64 -5.08 -6.69 -17.47
N HIS A 65 -4.73 -5.51 -16.95
CA HIS A 65 -3.56 -4.78 -17.45
C HIS A 65 -2.66 -4.16 -16.37
N TYR A 66 -2.94 -4.43 -15.10
CA TYR A 66 -2.15 -3.86 -14.02
C TYR A 66 -0.97 -4.76 -13.63
N VAL A 67 -0.34 -4.45 -12.49
CA VAL A 67 0.92 -5.07 -12.07
C VAL A 67 0.90 -6.60 -12.07
N GLU A 68 1.79 -7.18 -12.89
CA GLU A 68 2.05 -8.61 -12.88
C GLU A 68 3.44 -8.85 -12.29
N ASP A 69 3.71 -10.08 -11.87
CA ASP A 69 5.09 -10.49 -11.60
C ASP A 69 5.76 -10.80 -12.93
N ASP A 70 7.03 -11.20 -12.87
CA ASP A 70 7.81 -11.48 -14.07
C ASP A 70 7.34 -12.75 -14.80
N ASN A 71 7.00 -13.77 -14.03
CA ASN A 71 6.57 -15.06 -14.57
C ASN A 71 5.05 -15.16 -14.75
N ALA A 72 4.35 -14.19 -14.19
CA ALA A 72 2.88 -14.08 -14.16
C ALA A 72 2.10 -15.04 -15.06
N MET A 73 1.35 -15.99 -14.49
CA MET A 73 1.19 -16.27 -13.03
C MET A 73 0.24 -15.36 -12.23
N PHE A 74 0.69 -14.19 -11.79
CA PHE A 74 -0.12 -13.34 -10.91
C PHE A 74 -0.32 -11.91 -11.41
N ARG A 75 -1.49 -11.34 -11.09
CA ARG A 75 -1.81 -9.94 -11.38
C ARG A 75 -2.73 -9.39 -10.29
N PHE A 76 -2.48 -8.15 -9.87
CA PHE A 76 -3.31 -7.51 -8.85
C PHE A 76 -4.75 -7.35 -9.31
N ARG A 77 -5.68 -7.73 -8.44
CA ARG A 77 -7.10 -7.52 -8.66
C ARG A 77 -7.64 -6.61 -7.56
N TYR A 78 -7.27 -5.34 -7.64
CA TYR A 78 -7.85 -4.30 -6.78
C TYR A 78 -9.36 -4.28 -7.02
N SER A 79 -10.13 -4.42 -5.93
CA SER A 79 -11.58 -4.43 -6.03
C SER A 79 -12.14 -3.02 -6.29
N GLN A 80 -13.37 -2.96 -6.78
CA GLN A 80 -14.07 -1.69 -6.99
C GLN A 80 -14.30 -0.96 -5.68
N SER A 81 -14.41 -1.73 -4.60
CA SER A 81 -14.52 -1.19 -3.25
C SER A 81 -13.19 -0.63 -2.76
N PHE A 82 -12.09 -1.22 -3.23
CA PHE A 82 -10.74 -0.75 -2.92
C PHE A 82 -10.45 0.55 -3.68
N LEU A 83 -10.74 0.55 -4.98
CA LEU A 83 -10.47 1.71 -5.83
C LEU A 83 -11.21 2.96 -5.35
N HIS A 84 -12.48 2.77 -4.96
CA HIS A 84 -13.30 3.80 -4.34
C HIS A 84 -12.62 4.33 -3.07
N TRP A 85 -12.03 3.41 -2.31
CA TRP A 85 -11.40 3.69 -1.03
C TRP A 85 -10.04 4.38 -1.17
N ALA A 86 -9.30 4.02 -2.22
CA ALA A 86 -7.94 4.51 -2.42
C ALA A 86 -7.85 5.81 -3.21
N LEU A 87 -8.87 6.08 -4.04
CA LEU A 87 -8.83 7.23 -4.94
C LEU A 87 -9.76 8.38 -4.56
N MET A 88 -10.61 8.16 -3.56
CA MET A 88 -11.55 9.20 -3.12
C MET A 88 -11.44 9.50 -1.61
N SER A 89 -10.19 9.61 -1.15
CA SER A 89 -9.86 9.96 0.23
C SER A 89 -9.94 11.47 0.46
N PRO A 90 -9.87 11.93 1.74
CA PRO A 90 -10.05 13.36 2.07
C PRO A 90 -9.31 14.33 1.16
N GLY A 91 -10.05 15.23 0.53
CA GLY A 91 -9.48 16.28 -0.33
C GLY A 91 -9.28 15.86 -1.78
N TRP A 92 -9.83 14.71 -2.16
CA TRP A 92 -9.65 14.16 -3.50
C TRP A 92 -10.25 15.04 -4.58
N LYS A 93 -9.55 15.13 -5.70
CA LYS A 93 -10.00 15.89 -6.86
C LYS A 93 -10.10 14.96 -8.04
N LYS A 94 -11.22 15.02 -8.76
CA LYS A 94 -11.41 14.16 -9.94
C LYS A 94 -10.38 14.44 -11.04
N GLU A 95 -9.91 15.69 -11.11
CA GLU A 95 -8.86 16.11 -12.06
C GLU A 95 -7.63 15.21 -12.00
N TRP A 96 -7.39 14.61 -10.84
CA TRP A 96 -6.21 13.78 -10.63
C TRP A 96 -6.47 12.29 -10.89
N HIS A 97 -7.61 11.99 -11.50
CA HIS A 97 -7.90 10.64 -12.00
C HIS A 97 -7.88 10.68 -13.52
N VAL A 98 -6.68 10.57 -14.08
CA VAL A 98 -6.43 10.81 -15.50
C VAL A 98 -6.54 9.53 -16.32
N GLY A 99 -7.26 9.61 -17.43
CA GLY A 99 -7.45 8.47 -18.31
C GLY A 99 -7.25 8.83 -19.77
N VAL A 100 -6.92 7.83 -20.57
CA VAL A 100 -6.80 7.98 -22.00
C VAL A 100 -7.87 7.11 -22.66
N ARG A 101 -8.64 7.70 -23.57
CA ARG A 101 -9.68 6.96 -24.27
C ARG A 101 -9.36 6.84 -25.75
N ALA A 102 -9.74 5.70 -26.32
CA ALA A 102 -9.71 5.53 -27.78
C ALA A 102 -10.86 6.34 -28.36
N THR A 103 -10.54 7.22 -29.30
CA THR A 103 -11.50 8.20 -29.84
C THR A 103 -12.74 7.57 -30.45
N LYS A 104 -12.54 6.49 -31.22
CA LYS A 104 -13.64 5.80 -31.90
C LYS A 104 -14.51 4.98 -30.94
N SER A 105 -13.87 4.12 -30.14
CA SER A 105 -14.57 3.16 -29.27
C SER A 105 -14.94 3.69 -27.88
N ARG A 106 -14.27 4.75 -27.44
CA ARG A 106 -14.45 5.36 -26.10
C ARG A 106 -13.91 4.49 -24.94
N LYS A 107 -13.21 3.42 -25.28
CA LYS A 107 -12.65 2.49 -24.29
C LYS A 107 -11.46 3.10 -23.55
N LEU A 108 -11.40 2.86 -22.24
CA LEU A 108 -10.30 3.35 -21.42
C LEU A 108 -9.06 2.47 -21.63
N VAL A 109 -8.00 3.10 -22.10
CA VAL A 109 -6.80 2.38 -22.53
C VAL A 109 -5.55 2.68 -21.69
N ALA A 110 -5.63 3.73 -20.87
CA ALA A 110 -4.54 4.08 -19.96
C ALA A 110 -5.05 4.83 -18.74
N SER A 111 -4.26 4.84 -17.67
CA SER A 111 -4.61 5.57 -16.45
C SER A 111 -3.40 5.95 -15.61
N ILE A 112 -3.49 7.10 -14.97
CA ILE A 112 -2.58 7.51 -13.90
C ILE A 112 -3.39 8.30 -12.88
N CYS A 113 -3.26 7.94 -11.61
CA CYS A 113 -4.10 8.53 -10.56
C CYS A 113 -3.30 9.13 -9.42
N GLY A 114 -3.94 10.04 -8.68
CA GLY A 114 -3.32 10.68 -7.54
C GLY A 114 -4.33 11.18 -6.52
N VAL A 115 -3.94 11.15 -5.26
CA VAL A 115 -4.71 11.76 -4.17
C VAL A 115 -3.78 12.61 -3.30
N PRO A 116 -4.31 13.73 -2.75
CA PRO A 116 -3.46 14.60 -1.93
C PRO A 116 -3.27 14.06 -0.51
N THR A 117 -2.11 14.37 0.07
CA THR A 117 -1.82 14.07 1.47
C THR A 117 -0.65 14.92 1.95
N GLU A 118 -0.41 14.91 3.25
CA GLU A 118 0.80 15.53 3.81
C GLU A 118 1.77 14.46 4.28
N ILE A 119 3.03 14.64 3.91
CA ILE A 119 4.10 13.75 4.38
C ILE A 119 5.19 14.52 5.11
N ASN A 120 5.77 13.90 6.13
CA ASN A 120 6.93 14.44 6.82
C ASN A 120 8.22 13.86 6.25
N VAL A 121 9.02 14.72 5.62
CA VAL A 121 10.36 14.33 5.16
C VAL A 121 11.39 15.01 6.05
N ARG A 122 11.93 14.24 6.99
CA ARG A 122 12.89 14.74 7.99
C ARG A 122 12.43 16.05 8.63
N ASN A 123 11.30 15.98 9.35
CA ASN A 123 10.72 17.10 10.11
C ASN A 123 10.09 18.25 9.31
N GLN A 124 10.40 18.33 8.01
CA GLN A 124 9.72 19.28 7.13
C GLN A 124 8.39 18.69 6.69
N LYS A 125 7.33 19.49 6.83
CA LYS A 125 5.99 19.09 6.43
C LYS A 125 5.75 19.49 4.97
N LEU A 126 5.11 18.61 4.22
CA LEU A 126 4.94 18.82 2.78
C LEU A 126 3.55 18.50 2.28
N LYS A 127 3.06 19.33 1.37
CA LYS A 127 1.88 19.01 0.58
C LYS A 127 2.35 18.23 -0.64
N VAL A 128 1.83 17.02 -0.80
CA VAL A 128 2.21 16.14 -1.90
C VAL A 128 1.00 15.44 -2.50
N VAL A 129 1.19 14.85 -3.67
CA VAL A 129 0.21 13.96 -4.27
C VAL A 129 0.78 12.53 -4.26
N GLU A 130 -0.05 11.57 -3.85
CA GLU A 130 0.31 10.16 -3.89
C GLU A 130 -0.04 9.61 -5.26
N ILE A 131 1.00 9.32 -6.05
CA ILE A 131 0.79 8.80 -7.40
C ILE A 131 0.69 7.28 -7.38
N ASN A 132 -0.40 6.76 -7.95
CA ASN A 132 -0.67 5.33 -7.98
C ASN A 132 -1.53 4.96 -9.18
N PHE A 133 -1.63 3.65 -9.44
CA PHE A 133 -2.45 3.10 -10.52
C PHE A 133 -2.06 3.61 -11.91
N LEU A 134 -0.74 3.63 -12.17
CA LEU A 134 -0.20 3.89 -13.49
C LEU A 134 -0.39 2.61 -14.29
N CYS A 135 -1.13 2.71 -15.40
CA CYS A 135 -1.50 1.53 -16.16
C CYS A 135 -1.70 1.83 -17.65
N ILE A 136 -1.00 1.09 -18.49
CA ILE A 136 -1.17 1.18 -19.94
C ILE A 136 -1.66 -0.16 -20.47
N HIS A 137 -2.71 -0.11 -21.31
CA HIS A 137 -3.22 -1.29 -21.99
C HIS A 137 -2.10 -2.04 -22.68
N LYS A 138 -2.10 -3.37 -22.55
CA LYS A 138 -1.05 -4.23 -23.10
C LYS A 138 -0.74 -3.97 -24.57
N LYS A 139 -1.76 -3.59 -25.34
CA LYS A 139 -1.60 -3.35 -26.77
C LYS A 139 -0.91 -2.03 -27.08
N LEU A 140 -0.86 -1.13 -26.09
CA LEU A 140 -0.22 0.17 -26.25
C LEU A 140 1.12 0.28 -25.53
N ARG A 141 1.80 -0.86 -25.36
CA ARG A 141 3.08 -0.89 -24.64
C ARG A 141 4.27 -0.44 -25.49
N SER A 142 4.82 0.73 -25.14
CA SER A 142 6.12 1.24 -25.62
C SER A 142 6.40 1.24 -27.14
N LYS A 143 6.04 2.29 -27.90
CA LYS A 143 5.10 3.40 -27.61
C LYS A 143 5.53 4.62 -26.78
N ARG A 144 6.22 4.42 -25.66
CA ARG A 144 6.70 5.52 -24.79
C ARG A 144 5.58 6.44 -24.27
N LEU A 145 4.50 5.85 -23.79
CA LEU A 145 3.32 6.61 -23.34
C LEU A 145 3.40 7.06 -21.88
N THR A 146 4.21 6.36 -21.08
CA THR A 146 4.36 6.66 -19.65
C THR A 146 4.79 8.12 -19.34
N PRO A 147 5.87 8.61 -19.98
CA PRO A 147 6.30 9.99 -19.69
C PRO A 147 5.21 11.02 -19.99
N VAL A 148 4.41 10.74 -21.01
CA VAL A 148 3.27 11.59 -21.38
C VAL A 148 2.17 11.55 -20.30
N LEU A 149 1.98 10.39 -19.70
CA LEU A 149 1.02 10.24 -18.61
C LEU A 149 1.53 10.93 -17.35
N ILE A 150 2.84 10.85 -17.12
CA ILE A 150 3.47 11.49 -15.97
C ILE A 150 3.38 13.02 -16.08
N LYS A 151 3.69 13.55 -17.26
CA LYS A 151 3.67 15.00 -17.49
C LYS A 151 2.29 15.62 -17.34
N GLU A 152 1.26 14.89 -17.74
CA GLU A 152 -0.12 15.39 -17.70
C GLU A 152 -0.68 15.51 -16.28
N ILE A 153 -0.51 14.45 -15.48
CA ILE A 153 -0.95 14.48 -14.09
C ILE A 153 -0.09 15.44 -13.25
N THR A 154 1.15 15.65 -13.68
CA THR A 154 2.04 16.65 -13.11
C THR A 154 1.49 18.06 -13.38
N ARG A 155 1.00 18.29 -14.60
CA ARG A 155 0.43 19.58 -14.98
C ARG A 155 -0.86 19.88 -14.22
N ARG A 156 -1.72 18.87 -14.08
CA ARG A 156 -2.99 19.01 -13.36
C ARG A 156 -2.78 19.21 -11.85
N CYS A 157 -1.63 18.77 -11.36
CA CYS A 157 -1.22 19.03 -9.98
C CYS A 157 -0.66 20.45 -9.81
N TYR A 158 0.12 20.87 -10.81
CA TYR A 158 0.71 22.21 -10.84
C TYR A 158 -0.35 23.31 -10.83
N LEU A 159 -1.50 23.02 -11.44
CA LEU A 159 -2.60 23.97 -11.51
C LEU A 159 -3.38 24.08 -10.19
N ASN A 160 -3.23 23.06 -9.34
CA ASN A 160 -3.89 23.05 -8.05
C ASN A 160 -2.96 23.40 -6.89
N GLY A 161 -1.72 23.77 -7.22
CA GLY A 161 -0.74 24.17 -6.22
C GLY A 161 0.01 23.02 -5.56
N ILE A 162 0.15 21.91 -6.26
CA ILE A 162 0.94 20.78 -5.78
C ILE A 162 2.14 20.60 -6.70
N TYR A 163 3.33 20.65 -6.12
CA TYR A 163 4.58 20.61 -6.88
C TYR A 163 5.52 19.52 -6.39
N GLN A 164 5.04 18.69 -5.46
CA GLN A 164 5.78 17.56 -4.94
C GLN A 164 4.94 16.29 -5.00
N ALA A 165 5.61 15.14 -5.07
CA ALA A 165 4.93 13.86 -5.10
C ALA A 165 5.70 12.78 -4.36
N ILE A 166 4.96 11.83 -3.80
CA ILE A 166 5.52 10.61 -3.25
C ILE A 166 4.87 9.44 -3.99
N TYR A 167 5.71 8.51 -4.45
CA TYR A 167 5.20 7.34 -5.15
C TYR A 167 6.01 6.07 -4.90
N THR A 168 5.38 4.95 -5.19
CA THR A 168 5.92 3.63 -4.92
C THR A 168 6.03 2.85 -6.22
N ALA A 169 7.14 2.14 -6.41
CA ALA A 169 7.37 1.35 -7.64
C ALA A 169 8.29 0.16 -7.41
N GLY A 170 7.93 -0.98 -7.98
CA GLY A 170 8.72 -2.21 -7.87
C GLY A 170 9.86 -2.30 -8.87
N VAL A 171 10.04 -1.26 -9.67
CA VAL A 171 11.17 -1.16 -10.59
C VAL A 171 12.12 -0.04 -10.17
N VAL A 172 13.42 -0.26 -10.35
CA VAL A 172 14.43 0.73 -9.98
C VAL A 172 14.44 1.88 -10.99
N LEU A 173 14.25 3.10 -10.47
CA LEU A 173 14.21 4.32 -11.28
C LEU A 173 15.21 5.34 -10.76
N PRO A 174 15.42 6.45 -11.51
CA PRO A 174 16.38 7.48 -11.09
C PRO A 174 16.23 7.90 -9.63
N THR A 175 17.36 7.93 -8.91
CA THR A 175 17.46 8.40 -7.52
C THR A 175 16.30 7.99 -6.58
N PRO A 176 16.34 6.74 -6.05
CA PRO A 176 15.33 6.28 -5.09
C PRO A 176 15.59 6.74 -3.66
N VAL A 177 14.52 7.00 -2.92
CA VAL A 177 14.62 7.46 -1.53
C VAL A 177 14.88 6.29 -0.58
N SER A 178 14.17 5.18 -0.81
CA SER A 178 14.39 3.95 -0.03
C SER A 178 14.02 2.70 -0.80
N SER A 179 14.33 1.55 -0.20
CA SER A 179 14.01 0.24 -0.76
C SER A 179 13.60 -0.72 0.36
N CYS A 180 12.45 -1.34 0.19
CA CYS A 180 11.92 -2.31 1.16
C CYS A 180 11.57 -3.64 0.50
N ARG A 181 11.93 -4.74 1.16
CA ARG A 181 11.68 -6.08 0.64
C ARG A 181 10.32 -6.62 1.10
N TYR A 182 9.63 -7.31 0.20
CA TYR A 182 8.36 -7.96 0.53
C TYR A 182 8.56 -9.22 1.37
N TYR A 183 7.69 -9.41 2.35
CA TYR A 183 7.69 -10.60 3.20
C TYR A 183 6.30 -11.22 3.28
N HIS A 184 6.25 -12.54 3.40
CA HIS A 184 5.01 -13.29 3.21
C HIS A 184 4.81 -14.40 4.23
N ARG A 185 3.75 -14.27 5.03
CA ARG A 185 3.41 -15.27 6.03
C ARG A 185 2.27 -16.14 5.52
N PRO A 186 2.52 -17.45 5.36
CA PRO A 186 1.53 -18.38 4.81
C PRO A 186 0.45 -18.73 5.83
N LEU A 187 -0.80 -18.39 5.51
CA LEU A 187 -1.93 -18.74 6.35
C LEU A 187 -2.62 -19.99 5.79
N ASP A 188 -2.50 -20.16 4.47
CA ASP A 188 -3.00 -21.32 3.76
C ASP A 188 -1.91 -21.76 2.80
N TRP A 189 -0.93 -22.50 3.32
CA TRP A 189 0.27 -22.88 2.57
C TRP A 189 -0.02 -23.69 1.31
N LEU A 190 -0.89 -24.70 1.44
CA LEU A 190 -1.26 -25.55 0.30
C LEU A 190 -1.78 -24.75 -0.89
N LYS A 191 -2.59 -23.73 -0.59
CA LYS A 191 -3.10 -22.81 -1.60
C LYS A 191 -1.96 -22.09 -2.31
N LEU A 192 -0.99 -21.58 -1.53
CA LEU A 192 0.17 -20.87 -2.07
C LEU A 192 1.10 -21.80 -2.87
N TYR A 193 1.19 -23.05 -2.42
CA TYR A 193 1.96 -24.09 -3.10
C TYR A 193 1.32 -24.48 -4.44
N GLU A 194 -0.01 -24.63 -4.44
CA GLU A 194 -0.75 -25.03 -5.63
C GLU A 194 -0.79 -23.96 -6.72
N VAL A 195 -0.78 -22.69 -6.32
CA VAL A 195 -0.79 -21.58 -7.28
C VAL A 195 0.61 -21.26 -7.82
N GLY A 196 1.63 -21.82 -7.15
CA GLY A 196 3.03 -21.65 -7.57
C GLY A 196 3.80 -20.60 -6.79
N PHE A 197 3.21 -20.07 -5.73
CA PHE A 197 3.86 -19.00 -4.96
C PHE A 197 4.86 -19.51 -3.93
N SER A 198 4.48 -20.53 -3.16
CA SER A 198 5.37 -21.12 -2.16
C SER A 198 6.00 -22.42 -2.66
N PRO A 199 7.33 -22.55 -2.51
CA PRO A 199 8.07 -23.75 -2.92
C PRO A 199 8.09 -24.81 -1.82
N LEU A 200 8.85 -25.89 -2.04
CA LEU A 200 8.98 -26.97 -1.06
C LEU A 200 10.43 -27.13 -0.61
N PRO A 201 10.89 -26.25 0.30
CA PRO A 201 12.30 -26.24 0.68
C PRO A 201 12.59 -27.01 1.97
N ALA A 202 13.43 -28.04 1.91
CA ALA A 202 14.02 -28.55 0.68
C ALA A 202 13.80 -30.05 0.60
N GLY A 203 14.16 -30.74 1.66
CA GLY A 203 13.86 -32.16 1.83
C GLY A 203 12.71 -32.35 2.80
N SER A 204 11.63 -31.60 2.55
CA SER A 204 10.45 -31.60 3.40
C SER A 204 9.23 -32.08 2.62
N THR A 205 8.15 -32.34 3.33
CA THR A 205 6.88 -32.73 2.70
C THR A 205 5.88 -31.58 2.75
N LYS A 206 4.76 -31.74 2.06
CA LYS A 206 3.71 -30.73 2.04
C LYS A 206 3.07 -30.57 3.42
N ALA A 207 2.84 -31.69 4.10
CA ALA A 207 2.19 -31.71 5.41
C ALA A 207 3.01 -31.00 6.50
N ARG A 208 4.33 -31.19 6.48
CA ARG A 208 5.22 -30.56 7.46
C ARG A 208 5.30 -29.04 7.29
N GLN A 209 5.13 -28.57 6.04
CA GLN A 209 5.09 -27.14 5.75
C GLN A 209 3.79 -26.51 6.24
N ILE A 210 2.71 -27.28 6.17
CA ILE A 210 1.40 -26.85 6.67
C ILE A 210 1.40 -26.86 8.21
N THR A 211 2.00 -27.89 8.80
CA THR A 211 2.16 -28.01 10.25
C THR A 211 3.02 -26.86 10.80
N LYS A 212 4.00 -26.44 10.02
CA LYS A 212 4.89 -25.34 10.39
C LYS A 212 4.15 -24.01 10.44
N ASN A 213 3.23 -23.79 9.49
CA ASN A 213 2.48 -22.55 9.41
C ASN A 213 1.17 -22.53 10.20
N HIS A 214 0.99 -23.54 11.07
CA HIS A 214 -0.21 -23.64 11.90
C HIS A 214 -0.27 -22.50 12.92
N LEU A 215 -1.43 -21.87 12.99
CA LEU A 215 -1.67 -20.76 13.92
C LEU A 215 -2.72 -21.15 14.96
N PRO A 216 -2.62 -20.58 16.18
CA PRO A 216 -3.67 -20.76 17.19
C PRO A 216 -5.03 -20.24 16.73
N SER A 217 -6.09 -20.74 17.36
CA SER A 217 -7.46 -20.37 16.99
C SER A 217 -7.89 -19.02 17.57
N THR A 218 -7.40 -18.70 18.76
CA THR A 218 -7.77 -17.46 19.45
C THR A 218 -6.61 -16.48 19.58
N THR A 219 -6.95 -15.18 19.65
CA THR A 219 -5.96 -14.12 19.84
C THR A 219 -5.48 -14.08 21.29
N SER A 220 -4.22 -13.68 21.48
CA SER A 220 -3.62 -13.67 22.82
C SER A 220 -3.68 -12.33 23.53
N THR A 221 -3.33 -11.25 22.81
CA THR A 221 -3.25 -9.91 23.41
C THR A 221 -4.51 -9.57 24.20
N PRO A 222 -4.33 -9.25 25.50
CA PRO A 222 -5.46 -8.89 26.37
C PRO A 222 -6.18 -7.63 25.90
N GLY A 223 -7.51 -7.73 25.77
CA GLY A 223 -8.35 -6.60 25.40
C GLY A 223 -8.36 -6.25 23.92
N LEU A 224 -8.20 -7.26 23.06
CA LEU A 224 -8.20 -7.04 21.62
C LEU A 224 -9.63 -7.04 21.05
N ARG A 225 -9.97 -5.98 20.33
CA ARG A 225 -11.29 -5.81 19.72
C ARG A 225 -11.17 -4.99 18.43
N PRO A 226 -12.18 -5.10 17.53
CA PRO A 226 -12.21 -4.24 16.34
C PRO A 226 -12.34 -2.76 16.69
N MET A 227 -11.68 -1.92 15.92
CA MET A 227 -11.72 -0.46 16.10
C MET A 227 -13.10 0.11 15.81
N GLU A 228 -13.61 0.90 16.75
CA GLU A 228 -14.89 1.60 16.61
C GLU A 228 -14.63 3.08 16.35
N PRO A 229 -15.56 3.77 15.66
CA PRO A 229 -15.39 5.20 15.32
C PRO A 229 -15.14 6.12 16.53
N LYS A 230 -15.36 5.60 17.74
CA LYS A 230 -15.05 6.32 18.97
C LYS A 230 -13.54 6.41 19.21
N ASP A 231 -12.80 5.46 18.64
CA ASP A 231 -11.35 5.37 18.82
C ASP A 231 -10.56 6.28 17.89
N ILE A 232 -11.25 7.07 17.07
CA ILE A 232 -10.59 7.87 16.04
C ILE A 232 -9.56 8.88 16.60
N ASP A 233 -9.99 9.75 17.52
CA ASP A 233 -9.10 10.77 18.10
C ASP A 233 -7.88 10.18 18.81
N THR A 234 -8.10 9.08 19.54
CA THR A 234 -7.05 8.45 20.33
C THR A 234 -6.04 7.69 19.45
N VAL A 235 -6.54 7.05 18.39
CA VAL A 235 -5.69 6.35 17.41
C VAL A 235 -4.89 7.36 16.59
N HIS A 236 -5.49 8.52 16.32
CA HIS A 236 -4.85 9.59 15.55
C HIS A 236 -3.63 10.15 16.26
N ASP A 237 -3.71 10.25 17.59
CA ASP A 237 -2.63 10.75 18.42
C ASP A 237 -1.52 9.71 18.56
N LEU A 238 -1.90 8.47 18.87
CA LEU A 238 -0.96 7.36 19.03
C LEU A 238 -0.18 7.08 17.74
N LEU A 239 -0.89 7.02 16.62
CA LEU A 239 -0.29 6.75 15.32
C LEU A 239 0.73 7.81 14.94
N GLN A 240 0.36 9.08 15.09
CA GLN A 240 1.25 10.21 14.75
C GLN A 240 2.48 10.32 15.66
N ARG A 241 2.35 9.91 16.91
CA ARG A 241 3.50 9.87 17.81
C ARG A 241 4.45 8.74 17.43
N TYR A 242 3.88 7.63 16.95
CA TYR A 242 4.66 6.48 16.50
C TYR A 242 5.36 6.76 15.18
N LEU A 243 4.66 7.43 14.26
CA LEU A 243 5.22 7.78 12.96
C LEU A 243 6.27 8.88 13.04
N SER A 244 6.24 9.64 14.14
CA SER A 244 7.27 10.65 14.42
C SER A 244 8.66 10.04 14.55
N ARG A 245 8.72 8.74 14.82
CA ARG A 245 9.98 8.01 14.95
C ARG A 245 10.61 7.65 13.60
N PHE A 246 9.94 8.01 12.51
CA PHE A 246 10.43 7.67 11.17
C PHE A 246 10.74 8.90 10.33
N ALA A 247 11.82 8.83 9.56
CA ALA A 247 12.30 9.94 8.74
C ALA A 247 11.31 10.33 7.65
N LEU A 248 10.72 9.32 6.99
CA LEU A 248 9.72 9.53 5.96
C LEU A 248 8.41 8.91 6.43
N ASN A 249 7.41 9.75 6.66
CA ASN A 249 6.13 9.29 7.21
C ASN A 249 4.94 10.15 6.75
N GLN A 250 3.73 9.62 6.91
CA GLN A 250 2.51 10.31 6.48
C GLN A 250 1.89 11.09 7.63
N ALA A 251 1.77 12.40 7.43
CA ALA A 251 1.22 13.30 8.45
C ALA A 251 -0.30 13.20 8.51
N PHE A 252 -0.78 12.15 9.18
CA PHE A 252 -2.20 11.83 9.24
C PHE A 252 -3.06 12.95 9.82
N THR A 253 -4.13 13.28 9.12
CA THR A 253 -5.17 14.16 9.64
C THR A 253 -6.25 13.30 10.26
N ARG A 254 -7.19 13.92 10.98
CA ARG A 254 -8.28 13.18 11.62
C ARG A 254 -9.16 12.48 10.58
N GLU A 255 -9.43 13.18 9.48
CA GLU A 255 -10.23 12.62 8.39
C GLU A 255 -9.51 11.49 7.66
N GLU A 256 -8.20 11.56 7.60
CA GLU A 256 -7.39 10.49 7.02
C GLU A 256 -7.45 9.23 7.87
N VAL A 257 -7.40 9.40 9.20
CA VAL A 257 -7.57 8.29 10.14
C VAL A 257 -8.95 7.65 9.96
N ASP A 258 -9.98 8.49 9.84
CA ASP A 258 -11.35 8.03 9.61
C ASP A 258 -11.50 7.24 8.31
N HIS A 259 -10.89 7.74 7.24
CA HIS A 259 -11.02 7.11 5.93
C HIS A 259 -10.15 5.86 5.78
N TRP A 260 -8.87 5.99 6.15
CA TRP A 260 -7.91 4.90 5.94
C TRP A 260 -7.99 3.78 6.97
N LEU A 261 -8.57 4.06 8.13
CA LEU A 261 -8.52 3.11 9.25
C LEU A 261 -9.86 2.56 9.74
N VAL A 262 -10.96 3.28 9.52
CA VAL A 262 -12.28 2.75 9.92
C VAL A 262 -13.20 2.40 8.74
N HIS A 263 -13.50 1.10 8.65
CA HIS A 263 -14.38 0.53 7.64
C HIS A 263 -15.82 0.98 7.90
N LYS A 264 -16.50 1.41 6.84
CA LYS A 264 -17.89 1.85 6.93
C LYS A 264 -18.79 0.85 6.20
N PRO A 265 -19.34 -0.14 6.92
CA PRO A 265 -20.13 -1.18 6.28
C PRO A 265 -21.54 -0.72 5.90
N GLU A 266 -21.67 0.52 5.44
CA GLU A 266 -23.00 1.10 5.29
C GLU A 266 -23.67 1.08 3.89
N THR A 267 -23.15 1.67 2.80
CA THR A 267 -21.81 2.28 2.49
C THR A 267 -20.85 1.32 1.76
N VAL A 268 -20.10 0.51 2.51
CA VAL A 268 -19.15 -0.43 1.89
C VAL A 268 -19.65 -1.88 2.03
N LYS A 269 -19.96 -2.48 0.88
CA LYS A 269 -20.53 -3.83 0.84
C LYS A 269 -19.45 -4.91 0.80
N GLU A 270 -18.31 -4.60 0.20
CA GLU A 270 -17.17 -5.50 0.16
C GLU A 270 -16.00 -4.93 0.97
N GLN A 271 -15.86 -5.38 2.21
CA GLN A 271 -14.86 -4.88 3.15
C GLN A 271 -13.44 -4.89 2.59
N VAL A 272 -12.71 -3.81 2.85
CA VAL A 272 -11.37 -3.61 2.31
C VAL A 272 -10.34 -3.42 3.42
N VAL A 273 -10.69 -2.65 4.45
CA VAL A 273 -9.78 -2.37 5.56
C VAL A 273 -10.22 -3.05 6.86
N TRP A 274 -9.23 -3.51 7.63
CA TRP A 274 -9.44 -4.11 8.94
C TRP A 274 -8.62 -3.37 9.98
N ALA A 275 -9.24 -3.03 11.10
CA ALA A 275 -8.53 -2.38 12.21
C ALA A 275 -8.95 -2.98 13.55
N TYR A 276 -7.96 -3.28 14.38
CA TYR A 276 -8.18 -3.84 15.72
C TYR A 276 -7.40 -3.04 16.76
N VAL A 277 -8.01 -2.84 17.93
CA VAL A 277 -7.41 -2.01 18.98
C VAL A 277 -7.35 -2.69 20.35
N VAL A 278 -6.45 -2.18 21.20
CA VAL A 278 -6.34 -2.49 22.62
C VAL A 278 -6.06 -1.13 23.27
N GLU A 279 -6.86 -0.62 24.20
CA GLU A 279 -7.95 -1.27 24.96
C GLU A 279 -7.46 -2.12 26.13
N ASP A 280 -6.60 -1.51 26.94
CA ASP A 280 -6.07 -2.11 28.15
C ASP A 280 -7.18 -2.27 29.19
N PRO A 281 -7.27 -3.45 29.82
CA PRO A 281 -8.31 -3.77 30.82
C PRO A 281 -8.24 -2.96 32.12
N GLU A 282 -7.22 -2.12 32.25
CA GLU A 282 -7.02 -1.32 33.46
C GLU A 282 -7.06 0.20 33.27
N THR A 283 -6.77 0.67 32.05
CA THR A 283 -6.52 2.10 31.83
C THR A 283 -7.70 3.10 31.95
N HIS A 284 -8.72 3.04 31.09
CA HIS A 284 -8.91 2.08 29.99
C HIS A 284 -8.54 2.67 28.61
N LYS A 285 -7.52 3.52 28.60
CA LYS A 285 -6.99 4.14 27.37
C LYS A 285 -6.41 3.08 26.45
N ILE A 286 -6.39 3.37 25.15
CA ILE A 286 -5.82 2.44 24.17
C ILE A 286 -4.29 2.54 24.09
N THR A 287 -3.64 1.38 24.09
CA THR A 287 -2.18 1.29 24.12
C THR A 287 -1.61 0.75 22.81
N ASP A 288 -2.44 0.02 22.07
CA ASP A 288 -2.01 -0.60 20.81
C ASP A 288 -3.09 -0.48 19.75
N PHE A 289 -2.67 -0.60 18.49
CA PHE A 289 -3.56 -0.82 17.36
C PHE A 289 -2.76 -1.34 16.19
N PHE A 290 -3.38 -2.18 15.36
CA PHE A 290 -2.80 -2.61 14.09
C PHE A 290 -3.87 -2.67 13.01
N SER A 291 -3.43 -2.69 11.75
CA SER A 291 -4.35 -2.71 10.62
C SER A 291 -3.78 -3.48 9.43
N PHE A 292 -4.68 -4.02 8.61
CA PHE A 292 -4.32 -4.66 7.36
C PHE A 292 -5.45 -4.54 6.33
N TYR A 293 -5.07 -4.46 5.05
CA TYR A 293 -6.05 -4.31 3.97
C TYR A 293 -6.14 -5.51 3.04
N ASN A 294 -7.23 -5.54 2.27
CA ASN A 294 -7.55 -6.65 1.36
C ASN A 294 -7.19 -6.33 -0.09
N LEU A 295 -6.15 -6.99 -0.60
CA LEU A 295 -5.76 -6.86 -2.00
C LEU A 295 -5.63 -8.24 -2.62
N GLU A 296 -6.53 -8.56 -3.55
CA GLU A 296 -6.54 -9.86 -4.21
C GLU A 296 -5.57 -9.89 -5.40
N SER A 297 -5.08 -11.09 -5.70
CA SER A 297 -4.30 -11.33 -6.91
C SER A 297 -4.91 -12.47 -7.71
N THR A 298 -5.03 -12.26 -9.01
CA THR A 298 -5.55 -13.28 -9.92
C THR A 298 -4.44 -14.23 -10.33
N VAL A 299 -4.76 -15.52 -10.31
CA VAL A 299 -3.86 -16.53 -10.88
C VAL A 299 -4.25 -16.68 -12.35
N ILE A 300 -3.27 -16.53 -13.24
CA ILE A 300 -3.52 -16.56 -14.69
C ILE A 300 -3.77 -17.98 -15.21
N GLN A 301 -2.74 -18.83 -15.18
CA GLN A 301 -2.90 -20.24 -15.58
C GLN A 301 -3.62 -20.99 -14.48
N ASN A 302 -4.95 -21.04 -14.61
CA ASN A 302 -5.86 -21.49 -13.55
C ASN A 302 -5.60 -22.91 -13.04
N PRO A 303 -6.03 -23.91 -13.82
CA PRO A 303 -5.98 -25.33 -13.42
C PRO A 303 -6.81 -25.63 -12.16
N LYS A 304 -6.25 -25.35 -10.99
CA LYS A 304 -6.92 -25.61 -9.72
C LYS A 304 -7.51 -24.35 -9.09
N HIS A 305 -6.71 -23.29 -9.02
CA HIS A 305 -7.15 -22.01 -8.45
C HIS A 305 -7.03 -20.87 -9.46
N ASP A 306 -7.85 -19.85 -9.28
CA ASP A 306 -7.84 -18.68 -10.17
C ASP A 306 -7.74 -17.35 -9.41
N ASN A 307 -7.64 -17.43 -8.09
CA ASN A 307 -7.66 -16.26 -7.23
C ASN A 307 -6.93 -16.50 -5.91
N VAL A 308 -6.06 -15.57 -5.53
CA VAL A 308 -5.38 -15.61 -4.24
C VAL A 308 -5.77 -14.39 -3.42
N ARG A 309 -6.31 -14.63 -2.22
CA ARG A 309 -6.68 -13.54 -1.32
C ARG A 309 -5.55 -13.22 -0.36
N ALA A 310 -4.96 -12.03 -0.54
CA ALA A 310 -3.82 -11.60 0.26
C ALA A 310 -4.17 -10.43 1.17
N ALA A 311 -3.73 -10.51 2.42
CA ALA A 311 -3.83 -9.39 3.35
C ALA A 311 -2.48 -8.70 3.45
N TYR A 312 -2.49 -7.37 3.52
CA TYR A 312 -1.27 -6.58 3.58
C TYR A 312 -1.25 -5.75 4.87
N LEU A 313 -0.17 -5.90 5.64
CA LEU A 313 0.01 -5.12 6.85
C LEU A 313 0.04 -3.62 6.53
N TYR A 314 -0.89 -2.88 7.13
CA TYR A 314 -1.03 -1.45 6.88
C TYR A 314 -0.34 -0.66 8.01
N TYR A 315 -1.07 0.24 8.66
CA TYR A 315 -0.50 1.04 9.74
C TYR A 315 -0.71 0.41 11.11
N TYR A 316 0.21 0.66 12.03
CA TYR A 316 0.14 0.15 13.39
C TYR A 316 0.93 1.02 14.36
N ALA A 317 0.61 0.89 15.65
CA ALA A 317 1.29 1.64 16.71
C ALA A 317 1.20 0.93 18.06
N THR A 318 2.07 1.31 18.99
CA THR A 318 2.07 0.78 20.36
C THR A 318 2.83 1.69 21.33
N GLU A 319 2.29 1.83 22.54
CA GLU A 319 2.88 2.68 23.58
C GLU A 319 4.25 2.18 24.06
N THR A 320 4.48 0.88 23.95
CA THR A 320 5.75 0.26 24.38
C THR A 320 6.94 0.69 23.52
N ALA A 321 6.65 1.27 22.34
CA ALA A 321 7.69 1.76 21.44
C ALA A 321 8.44 2.95 22.03
N PHE A 322 7.73 3.80 22.76
CA PHE A 322 8.29 5.05 23.28
C PHE A 322 9.11 4.84 24.56
N THR A 323 9.98 3.84 24.54
CA THR A 323 10.90 3.59 25.65
C THR A 323 12.34 3.88 25.23
N MET A 326 13.48 -1.51 23.66
CA MET A 326 14.00 -1.59 25.01
C MET A 326 14.87 -2.83 25.32
N LYS A 327 14.68 -3.94 24.60
CA LYS A 327 13.73 -4.06 23.50
C LYS A 327 12.50 -4.90 23.87
N ALA A 328 11.59 -4.28 24.60
CA ALA A 328 10.29 -4.86 24.92
C ALA A 328 9.30 -4.63 23.77
N LEU A 329 9.67 -3.71 22.88
CA LEU A 329 8.93 -3.45 21.65
C LEU A 329 8.92 -4.69 20.76
N LYS A 330 10.05 -5.38 20.71
CA LYS A 330 10.18 -6.64 19.98
C LYS A 330 9.20 -7.67 20.55
N GLU A 331 9.18 -7.79 21.87
CA GLU A 331 8.28 -8.70 22.59
C GLU A 331 6.82 -8.39 22.30
N ARG A 332 6.46 -7.11 22.33
CA ARG A 332 5.07 -6.68 22.16
C ARG A 332 4.55 -6.85 20.74
N LEU A 333 5.36 -6.50 19.75
CA LEU A 333 4.96 -6.64 18.34
C LEU A 333 4.81 -8.11 17.92
N LEU A 334 5.61 -8.99 18.51
CA LEU A 334 5.51 -10.43 18.26
C LEU A 334 4.17 -11.00 18.70
N MET A 335 3.60 -10.40 19.74
CA MET A 335 2.28 -10.78 20.24
C MET A 335 1.16 -10.20 19.38
N LEU A 336 1.30 -8.92 19.00
CA LEU A 336 0.29 -8.21 18.22
C LEU A 336 0.17 -8.72 16.78
N MET A 337 1.31 -8.97 16.14
CA MET A 337 1.34 -9.38 14.73
C MET A 337 0.94 -10.83 14.52
N ASN A 338 1.26 -11.68 15.49
CA ASN A 338 0.78 -13.06 15.49
C ASN A 338 -0.74 -13.08 15.60
N ASP A 339 -1.26 -12.19 16.45
CA ASP A 339 -2.71 -11.98 16.60
C ASP A 339 -3.34 -11.52 15.29
N ALA A 340 -2.64 -10.64 14.58
CA ALA A 340 -3.08 -10.15 13.27
C ALA A 340 -3.13 -11.28 12.22
N LEU A 341 -2.21 -12.23 12.32
CA LEU A 341 -2.19 -13.40 11.44
C LEU A 341 -3.40 -14.29 11.68
N ILE A 342 -3.73 -14.50 12.96
CA ILE A 342 -4.90 -15.29 13.37
C ILE A 342 -6.19 -14.66 12.83
N LEU A 343 -6.34 -13.35 13.05
CA LEU A 343 -7.52 -12.60 12.58
C LEU A 343 -7.60 -12.53 11.06
N ALA A 344 -6.46 -12.61 10.39
CA ALA A 344 -6.41 -12.67 8.93
C ALA A 344 -6.88 -14.03 8.42
N LYS A 345 -6.51 -15.09 9.14
CA LYS A 345 -6.88 -16.46 8.78
C LYS A 345 -8.38 -16.71 8.89
N LYS A 346 -8.98 -16.20 9.97
CA LYS A 346 -10.42 -16.30 10.20
C LYS A 346 -11.21 -15.48 9.19
N ALA A 347 -10.60 -14.40 8.70
CA ALA A 347 -11.18 -13.57 7.65
C ALA A 347 -10.91 -14.16 6.25
N HIS A 348 -10.45 -15.42 6.24
CA HIS A 348 -10.25 -16.23 5.03
C HIS A 348 -9.17 -15.73 4.07
N PHE A 349 -8.12 -15.11 4.62
CA PHE A 349 -6.97 -14.72 3.82
C PHE A 349 -5.97 -15.86 3.69
N ASP A 350 -5.25 -15.88 2.58
CA ASP A 350 -4.32 -16.97 2.27
C ASP A 350 -2.90 -16.64 2.72
N VAL A 351 -2.51 -15.38 2.56
CA VAL A 351 -1.16 -14.93 2.88
C VAL A 351 -1.20 -13.52 3.46
N PHE A 352 -0.34 -13.28 4.46
CA PHE A 352 -0.21 -11.98 5.09
C PHE A 352 1.09 -11.34 4.60
N ASN A 353 0.96 -10.28 3.81
CA ASN A 353 2.11 -9.58 3.24
C ASN A 353 2.51 -8.38 4.08
N ALA A 354 3.82 -8.15 4.18
CA ALA A 354 4.38 -7.03 4.92
C ALA A 354 5.73 -6.66 4.36
N LEU A 355 6.12 -5.40 4.52
CA LEU A 355 7.43 -4.92 4.06
C LEU A 355 8.35 -4.64 5.24
N THR A 356 9.65 -4.52 4.97
CA THR A 356 10.66 -4.29 6.00
C THR A 356 10.64 -2.86 6.56
N LEU A 357 9.66 -2.07 6.15
CA LEU A 357 9.46 -0.71 6.68
C LEU A 357 8.96 -0.74 8.13
N HIS A 358 8.75 0.43 8.73
CA HIS A 358 8.38 0.55 10.14
C HIS A 358 9.32 -0.24 11.05
N ASP A 359 8.79 -0.82 12.13
CA ASP A 359 9.57 -1.66 13.04
C ASP A 359 9.37 -3.14 12.73
N ASN A 360 9.12 -3.44 11.45
CA ASN A 360 8.83 -4.81 11.01
C ASN A 360 9.99 -5.81 11.08
N PRO A 361 11.25 -5.36 10.86
CA PRO A 361 12.39 -6.28 11.01
C PRO A 361 12.58 -6.88 12.40
N LEU A 362 11.69 -6.53 13.35
CA LEU A 362 11.72 -7.13 14.69
C LEU A 362 10.98 -8.47 14.75
N PHE A 363 9.84 -8.55 14.06
CA PHE A 363 8.96 -9.72 14.20
C PHE A 363 8.91 -10.62 12.96
N LEU A 364 9.28 -10.09 11.80
CA LEU A 364 9.08 -10.79 10.52
C LEU A 364 9.59 -12.23 10.51
N GLU A 365 10.88 -12.42 10.70
CA GLU A 365 11.51 -13.74 10.57
C GLU A 365 11.08 -14.74 11.64
N GLN A 366 10.82 -14.26 12.86
CA GLN A 366 10.39 -15.11 13.95
C GLN A 366 8.94 -15.58 13.79
N LEU A 367 8.11 -14.76 13.15
CA LEU A 367 6.71 -15.09 12.93
C LEU A 367 6.50 -15.83 11.60
N LYS A 368 7.58 -16.41 11.09
CA LYS A 368 7.58 -17.27 9.89
C LYS A 368 7.14 -16.55 8.60
N PHE A 369 7.57 -15.30 8.45
CA PHE A 369 7.44 -14.58 7.19
C PHE A 369 8.59 -15.01 6.27
N GLY A 370 8.24 -15.44 5.06
CA GLY A 370 9.25 -15.89 4.09
C GLY A 370 9.77 -14.73 3.26
N ALA A 371 11.09 -14.68 3.09
CA ALA A 371 11.75 -13.64 2.29
C ALA A 371 11.29 -13.69 0.84
N GLY A 372 10.83 -12.54 0.34
CA GLY A 372 10.24 -12.45 -0.99
C GLY A 372 11.19 -12.01 -2.08
N ASP A 373 10.81 -12.30 -3.32
CA ASP A 373 11.56 -11.86 -4.49
C ASP A 373 11.22 -10.41 -4.82
N GLY A 374 10.03 -9.98 -4.41
CA GLY A 374 9.56 -8.62 -4.65
C GLY A 374 10.27 -7.58 -3.82
N GLN A 375 10.55 -6.45 -4.45
CA GLN A 375 11.17 -5.30 -3.81
C GLN A 375 10.36 -4.06 -4.12
N LEU A 376 10.12 -3.23 -3.10
CA LEU A 376 9.39 -1.98 -3.27
C LEU A 376 10.27 -0.77 -3.00
N HIS A 377 10.32 0.14 -3.97
CA HIS A 377 11.15 1.33 -3.86
C HIS A 377 10.30 2.60 -3.70
N PHE A 378 10.77 3.50 -2.85
CA PHE A 378 10.07 4.75 -2.58
C PHE A 378 10.77 5.91 -3.27
N TYR A 379 9.97 6.82 -3.82
CA TYR A 379 10.49 7.93 -4.59
C TYR A 379 9.81 9.23 -4.20
N LEU A 380 10.49 10.33 -4.45
CA LEU A 380 9.91 11.66 -4.29
C LEU A 380 10.13 12.46 -5.57
N TYR A 381 9.13 13.25 -5.95
CA TYR A 381 9.28 14.17 -7.07
C TYR A 381 9.54 15.59 -6.57
N ASN A 382 10.48 16.27 -7.20
CA ASN A 382 10.83 17.66 -6.88
C ASN A 382 11.09 17.90 -5.39
N TYR A 383 11.77 16.95 -4.76
CA TYR A 383 12.20 17.10 -3.38
C TYR A 383 13.44 16.25 -3.12
N ARG A 384 14.55 16.94 -2.89
CA ARG A 384 15.83 16.31 -2.63
C ARG A 384 15.96 16.03 -1.14
N THR A 385 16.21 14.77 -0.80
CA THR A 385 16.52 14.38 0.58
C THR A 385 17.53 13.22 0.63
N ALA A 386 18.26 13.14 1.73
CA ALA A 386 19.24 12.07 1.96
C ALA A 386 18.59 10.69 1.91
N PRO A 387 19.33 9.68 1.42
CA PRO A 387 18.83 8.30 1.41
C PRO A 387 18.29 7.87 2.78
N VAL A 388 17.15 7.20 2.76
CA VAL A 388 16.46 6.77 3.97
C VAL A 388 16.45 5.23 4.06
N PRO A 389 16.81 4.68 5.24
CA PRO A 389 16.88 3.22 5.45
C PRO A 389 15.53 2.52 5.30
N GLY A 390 15.56 1.31 4.75
CA GLY A 390 14.34 0.56 4.43
C GLY A 390 14.15 -0.72 5.23
N GLY A 391 14.92 -0.89 6.29
CA GLY A 391 14.78 -2.04 7.17
C GLY A 391 15.62 -3.25 6.77
N VAL A 392 16.41 -3.10 5.71
CA VAL A 392 17.26 -4.19 5.21
C VAL A 392 18.74 -3.82 5.22
N ASN A 393 19.60 -4.81 5.44
CA ASN A 393 21.04 -4.63 5.26
C ASN A 393 21.44 -4.85 3.79
N GLU A 394 22.74 -4.85 3.52
CA GLU A 394 23.26 -4.98 2.16
C GLU A 394 22.91 -6.32 1.51
N LYS A 395 22.71 -7.35 2.34
CA LYS A 395 22.31 -8.68 1.87
C LYS A 395 20.81 -8.74 1.58
N ASN A 396 20.12 -7.61 1.77
CA ASN A 396 18.67 -7.49 1.63
C ASN A 396 17.91 -8.26 2.70
N LEU A 397 18.59 -8.53 3.82
CA LEU A 397 18.01 -9.20 4.96
C LEU A 397 17.60 -8.18 6.02
N PRO A 398 16.48 -8.43 6.75
CA PRO A 398 15.99 -7.48 7.74
C PRO A 398 17.03 -7.13 8.78
N ASP A 399 17.11 -5.86 9.15
CA ASP A 399 18.11 -5.37 10.08
C ASP A 399 17.50 -4.42 11.10
N GLU A 400 17.74 -4.72 12.39
CA GLU A 400 17.28 -3.89 13.50
C GLU A 400 17.93 -2.52 13.51
N LYS A 401 19.14 -2.42 12.95
CA LYS A 401 19.90 -1.18 12.89
C LYS A 401 19.62 -0.36 11.63
N ARG A 402 18.87 -0.93 10.69
CA ARG A 402 18.49 -0.24 9.45
C ARG A 402 17.01 0.17 9.40
N MET A 403 16.42 0.38 10.58
CA MET A 403 15.04 0.84 10.69
C MET A 403 14.98 2.36 10.90
N GLY A 404 13.83 2.85 11.34
CA GLY A 404 13.64 4.27 11.63
C GLY A 404 13.71 5.17 10.41
N GLY A 405 13.24 4.65 9.27
CA GLY A 405 13.29 5.38 8.01
C GLY A 405 11.93 5.52 7.35
N VAL A 406 11.41 4.41 6.84
CA VAL A 406 10.14 4.41 6.12
C VAL A 406 8.98 4.20 7.09
N GLY A 407 8.11 5.22 7.18
CA GLY A 407 6.93 5.17 8.03
C GLY A 407 5.64 5.32 7.24
N ILE A 408 5.73 5.19 5.92
CA ILE A 408 4.58 5.33 5.04
C ILE A 408 4.34 4.07 4.21
N VAL A 409 3.10 3.58 4.25
CA VAL A 409 2.69 2.43 3.46
C VAL A 409 1.80 2.89 2.31
N MET A 410 2.26 2.64 1.09
CA MET A 410 1.52 3.03 -0.11
C MET A 410 0.84 1.83 -0.75
N LEU A 411 -0.41 2.01 -1.16
CA LEU A 411 -1.28 0.91 -1.57
C LEU A 411 -0.92 0.31 -2.94
#